data_4DEA
#
_entry.id   4DEA
#
_cell.length_a   82.420
_cell.length_b   82.420
_cell.length_c   174.100
_cell.angle_alpha   90.00
_cell.angle_beta   90.00
_cell.angle_gamma   120.00
#
_symmetry.space_group_name_H-M   'P 61 2 2'
#
loop_
_entity.id
_entity.type
_entity.pdbx_description
1 polymer 'Aurora kinase A'
2 non-polymer 1,2-ETHANEDIOL
3 non-polymer "4,4'-(pyrimidine-2,4-diyldiimino)dibenzoic acid"
4 water water
#
_entity_poly.entity_id   1
_entity_poly.type   'polypeptide(L)'
_entity_poly.pdbx_seq_one_letter_code
;SKKRQWALEDFEIGRPLGKGKFGNVYLAREKQSKFILALKVLFKAQLEKAGVEHQLRREVEIQSHLRHPNILRLYGYFHD
ATRVYLILEYAPLGTVYRELQKLSKFDEQRTATYITELANALSYCHSKRVIHRDIKPENLLLGSAGELKIADFGWSVHAP
SSRRDTLCGTLDYLPPEMIEGRMHDEKVDLWSLGVLCYEFLVGKPPFEANTYQETYKRISRVEFTFPDFVTEGARDLISR
LLKHNPSQRPMLREVLEHPWITANSSKPSNCQNKESASK
;
_entity_poly.pdbx_strand_id   A
#
loop_
_chem_comp.id
_chem_comp.type
_chem_comp.name
_chem_comp.formula
EDO non-polymer 1,2-ETHANEDIOL 'C2 H6 O2'
NHI non-polymer '4,4'-(pyrimidine-2,4-diyldiimino)dibenzoic acid' 'C18 H14 N4 O4'
#
# COMPACT_ATOMS: atom_id res chain seq x y z
N LYS A 2 -5.23 6.44 22.48
CA LYS A 2 -5.79 5.25 23.17
C LYS A 2 -6.48 5.71 24.45
N LYS A 3 -5.81 6.61 25.16
CA LYS A 3 -6.30 7.22 26.41
C LYS A 3 -5.49 8.49 26.64
N ARG A 4 -4.19 8.32 26.90
CA ARG A 4 -3.26 9.42 27.17
C ARG A 4 -2.79 10.18 25.94
N GLN A 5 -2.19 11.34 26.19
CA GLN A 5 -1.66 12.20 25.15
C GLN A 5 -0.15 12.18 25.16
N TRP A 6 0.45 11.80 24.03
CA TRP A 6 1.90 11.73 23.96
C TRP A 6 2.57 13.02 23.54
N ALA A 7 3.86 13.12 23.89
CA ALA A 7 4.68 14.27 23.54
C ALA A 7 6.03 13.74 23.04
N LEU A 8 6.79 14.58 22.35
CA LEU A 8 8.07 14.16 21.84
C LEU A 8 8.96 13.65 22.96
N GLU A 9 8.96 14.37 24.08
CA GLU A 9 9.77 14.05 25.26
C GLU A 9 9.60 12.61 25.75
N ASP A 10 8.55 11.94 25.27
CA ASP A 10 8.29 10.56 25.67
C ASP A 10 9.07 9.58 24.80
N PHE A 11 9.76 10.10 23.80
CA PHE A 11 10.51 9.24 22.89
C PHE A 11 12.00 9.60 22.65
N GLU A 12 12.81 8.57 22.42
CA GLU A 12 14.21 8.75 22.10
C GLU A 12 14.22 8.30 20.65
N ILE A 13 14.41 9.24 19.72
CA ILE A 13 14.42 8.93 18.30
C ILE A 13 15.71 8.24 17.91
N GLY A 14 15.60 7.24 17.04
CA GLY A 14 16.76 6.52 16.57
C GLY A 14 17.10 6.87 15.13
N ARG A 15 17.56 5.90 14.38
CA ARG A 15 17.98 6.13 13.01
C ARG A 15 16.84 6.29 12.04
N PRO A 16 17.09 7.01 10.94
CA PRO A 16 16.09 7.25 9.90
C PRO A 16 15.77 5.95 9.19
N LEU A 17 14.48 5.72 8.96
CA LEU A 17 14.05 4.52 8.26
C LEU A 17 13.80 4.93 6.82
N GLY A 18 13.25 6.13 6.65
CA GLY A 18 12.97 6.65 5.32
C GLY A 18 12.82 8.16 5.35
N LYS A 19 13.30 8.82 4.30
CA LYS A 19 13.19 10.28 4.21
C LYS A 19 12.35 10.65 3.00
N GLY A 20 11.24 11.35 3.26
CA GLY A 20 10.36 11.75 2.17
C GLY A 20 10.05 13.22 2.05
N LYS A 21 9.24 13.55 1.04
CA LYS A 21 8.82 14.91 0.75
C LYS A 21 8.17 15.63 1.93
N PHE A 22 7.24 14.95 2.59
CA PHE A 22 6.57 15.55 3.73
C PHE A 22 7.29 15.32 5.05
N GLY A 23 7.70 14.08 5.29
CA GLY A 23 8.39 13.79 6.51
C GLY A 23 9.33 12.60 6.44
N ASN A 24 9.91 12.30 7.60
CA ASN A 24 10.82 11.20 7.70
C ASN A 24 10.23 10.22 8.68
N VAL A 25 10.68 8.97 8.59
CA VAL A 25 10.23 7.94 9.50
C VAL A 25 11.46 7.50 10.30
N TYR A 26 11.33 7.54 11.61
CA TYR A 26 12.41 7.17 12.50
C TYR A 26 12.08 6.01 13.39
N LEU A 27 13.14 5.30 13.76
CA LEU A 27 13.03 4.22 14.72
C LEU A 27 12.94 5.05 16.00
N ALA A 28 12.19 4.61 16.99
CA ALA A 28 12.08 5.35 18.23
C ALA A 28 11.71 4.41 19.36
N ARG A 29 11.99 4.82 20.59
CA ARG A 29 11.66 4.00 21.74
C ARG A 29 10.97 4.85 22.79
N GLU A 30 9.83 4.38 23.31
CA GLU A 30 9.10 5.15 24.32
C GLU A 30 9.83 4.97 25.64
N LYS A 31 10.31 6.08 26.18
CA LYS A 31 11.09 6.05 27.41
C LYS A 31 10.65 5.14 28.55
N GLN A 32 9.39 5.26 28.98
CA GLN A 32 8.89 4.48 30.10
C GLN A 32 8.84 2.96 29.96
N SER A 33 8.22 2.48 28.89
CA SER A 33 8.08 1.03 28.67
C SER A 33 9.19 0.41 27.84
N LYS A 34 9.98 1.27 27.20
CA LYS A 34 11.09 0.87 26.33
C LYS A 34 10.55 0.20 25.07
N PHE A 35 9.30 0.51 24.75
CA PHE A 35 8.63 -0.02 23.58
C PHE A 35 9.26 0.55 22.31
N ILE A 36 9.62 -0.34 21.40
CA ILE A 36 10.24 0.05 20.14
C ILE A 36 9.16 0.24 19.08
N LEU A 37 9.16 1.41 18.43
CA LEU A 37 8.18 1.70 17.40
C LEU A 37 8.72 2.62 16.33
N ALA A 38 7.86 3.07 15.41
CA ALA A 38 8.31 3.98 14.37
C ALA A 38 7.57 5.29 14.50
N LEU A 39 8.32 6.37 14.38
CA LEU A 39 7.77 7.71 14.52
C LEU A 39 7.89 8.44 13.18
N LYS A 40 6.75 8.76 12.59
CA LYS A 40 6.73 9.46 11.30
C LYS A 40 6.52 10.94 11.59
N VAL A 41 7.53 11.75 11.28
CA VAL A 41 7.48 13.18 11.53
C VAL A 41 7.12 14.03 10.31
N LEU A 42 5.95 14.66 10.35
CA LEU A 42 5.50 15.51 9.25
C LEU A 42 5.63 16.99 9.63
N PHE A 43 6.29 17.75 8.76
CA PHE A 43 6.54 19.17 9.00
C PHE A 43 5.38 20.15 9.14
N LYS A 44 4.21 19.84 8.67
CA LYS A 44 3.09 20.76 8.86
C LYS A 44 3.07 21.95 7.91
N ALA A 45 4.09 22.78 7.99
CA ALA A 45 4.04 23.96 7.19
C ALA A 45 3.91 23.38 5.85
N GLN A 46 4.66 22.33 5.61
CA GLN A 46 4.59 21.64 4.36
C GLN A 46 3.25 21.00 4.11
N LEU A 47 2.62 20.50 5.14
CA LEU A 47 1.25 20.05 5.03
C LEU A 47 0.30 21.20 4.80
N GLU A 48 0.54 22.30 5.51
CA GLU A 48 -0.35 23.41 5.42
C GLU A 48 -0.32 23.84 3.98
N LYS A 49 0.87 23.96 3.43
CA LYS A 49 0.95 24.21 2.02
C LYS A 49 0.37 22.97 1.48
N ALA A 50 -0.24 23.00 0.33
CA ALA A 50 -0.61 21.77 -0.32
C ALA A 50 -1.92 21.26 0.18
N GLY A 51 -2.44 21.90 1.21
CA GLY A 51 -3.79 21.65 1.65
C GLY A 51 -4.06 20.21 1.98
N VAL A 52 -3.07 19.56 2.58
CA VAL A 52 -3.17 18.15 2.86
C VAL A 52 -3.68 17.86 4.25
N GLU A 53 -4.06 18.89 4.96
CA GLU A 53 -4.47 18.72 6.33
C GLU A 53 -5.62 17.74 6.42
N HIS A 54 -6.55 17.79 5.48
CA HIS A 54 -7.75 16.96 5.48
C HIS A 54 -7.42 15.49 5.28
N GLN A 55 -6.62 15.19 4.27
CA GLN A 55 -6.28 13.81 4.00
C GLN A 55 -5.61 13.13 5.19
N LEU A 56 -4.83 13.90 5.94
CA LEU A 56 -4.12 13.36 7.10
C LEU A 56 -5.09 12.97 8.20
N ARG A 57 -6.16 13.74 8.37
CA ARG A 57 -7.14 13.41 9.41
C ARG A 57 -7.77 12.08 9.02
N ARG A 58 -8.00 11.91 7.72
CA ARG A 58 -8.61 10.70 7.18
C ARG A 58 -7.66 9.52 7.39
N GLU A 59 -6.45 9.63 6.85
CA GLU A 59 -5.44 8.59 6.99
C GLU A 59 -5.32 8.13 8.46
N VAL A 60 -5.15 9.08 9.38
CA VAL A 60 -5.03 8.76 10.80
C VAL A 60 -6.31 8.12 11.34
N GLU A 61 -7.44 8.76 11.04
CA GLU A 61 -8.74 8.26 11.47
C GLU A 61 -8.95 6.83 10.98
N ILE A 62 -8.77 6.60 9.68
CA ILE A 62 -8.95 5.28 9.11
C ILE A 62 -7.98 4.24 9.66
N GLN A 63 -6.69 4.47 9.47
CA GLN A 63 -5.68 3.51 9.91
C GLN A 63 -5.64 3.24 11.41
N SER A 64 -5.92 4.23 12.24
CA SER A 64 -5.89 4.00 13.68
C SER A 64 -7.02 3.10 14.17
N HIS A 65 -8.07 2.95 13.38
CA HIS A 65 -9.19 2.10 13.75
C HIS A 65 -9.17 0.71 13.10
N LEU A 66 -8.05 0.36 12.47
CA LEU A 66 -7.92 -0.96 11.84
C LEU A 66 -7.01 -1.85 12.67
N ARG A 67 -7.40 -3.11 12.85
CA ARG A 67 -6.59 -4.06 13.59
C ARG A 67 -6.54 -5.34 12.77
N HIS A 68 -5.39 -5.57 12.15
CA HIS A 68 -5.19 -6.76 11.32
C HIS A 68 -3.68 -7.01 11.28
N PRO A 69 -3.27 -8.28 11.32
CA PRO A 69 -1.86 -8.71 11.29
C PRO A 69 -1.07 -8.30 10.06
N ASN A 70 -1.77 -8.04 8.96
CA ASN A 70 -1.13 -7.61 7.72
C ASN A 70 -1.36 -6.13 7.46
N ILE A 71 -1.83 -5.42 8.49
CA ILE A 71 -1.99 -3.98 8.36
C ILE A 71 -1.18 -3.27 9.46
N LEU A 72 -0.22 -2.44 9.05
CA LEU A 72 0.59 -1.72 10.01
C LEU A 72 -0.30 -0.88 10.92
N ARG A 73 -0.06 -0.92 12.21
CA ARG A 73 -0.88 -0.17 13.16
C ARG A 73 -0.45 1.26 13.38
N LEU A 74 -1.45 2.09 13.67
CA LEU A 74 -1.23 3.48 13.99
C LEU A 74 -1.73 3.56 15.43
N TYR A 75 -0.82 3.69 16.37
CA TYR A 75 -1.20 3.72 17.78
C TYR A 75 -1.80 5.06 18.21
N GLY A 76 -1.32 6.17 17.63
CA GLY A 76 -1.83 7.47 17.99
C GLY A 76 -1.02 8.57 17.34
N TYR A 77 -1.17 9.79 17.82
CA TYR A 77 -0.41 10.89 17.25
C TYR A 77 -0.37 12.10 18.16
N PHE A 78 0.48 13.04 17.81
CA PHE A 78 0.60 14.25 18.56
C PHE A 78 1.30 15.27 17.67
N HIS A 79 1.33 16.51 18.10
CA HIS A 79 1.98 17.55 17.32
C HIS A 79 2.55 18.61 18.23
N ASP A 80 3.30 19.53 17.66
CA ASP A 80 3.87 20.64 18.40
C ASP A 80 3.63 21.85 17.52
N ALA A 81 4.39 22.91 17.71
CA ALA A 81 4.19 24.13 16.93
C ALA A 81 4.54 23.96 15.45
N THR A 82 5.59 23.20 15.19
CA THR A 82 6.04 23.04 13.81
C THR A 82 5.81 21.71 13.09
N ARG A 83 5.09 20.77 13.69
CA ARG A 83 4.88 19.49 13.00
C ARG A 83 3.93 18.49 13.67
N VAL A 84 3.66 17.40 12.94
CA VAL A 84 2.79 16.32 13.41
C VAL A 84 3.55 15.00 13.47
N TYR A 85 3.24 14.19 14.50
CA TYR A 85 3.90 12.91 14.69
C TYR A 85 2.96 11.72 14.64
N LEU A 86 3.32 10.70 13.86
CA LEU A 86 2.47 9.52 13.82
C LEU A 86 3.23 8.38 14.54
N ILE A 87 2.57 7.77 15.53
CA ILE A 87 3.15 6.69 16.30
C ILE A 87 2.69 5.40 15.66
N LEU A 88 3.60 4.80 14.92
CA LEU A 88 3.33 3.58 14.17
C LEU A 88 4.02 2.33 14.68
N GLU A 89 3.43 1.19 14.36
CA GLU A 89 4.03 -0.09 14.67
C GLU A 89 5.26 -0.12 13.76
N TYR A 90 6.37 -0.63 14.29
CA TYR A 90 7.62 -0.74 13.55
C TYR A 90 7.72 -2.09 12.85
N ALA A 91 7.93 -2.05 11.54
CA ALA A 91 8.07 -3.28 10.74
C ALA A 91 9.58 -3.44 10.58
N PRO A 92 10.19 -4.43 11.26
CA PRO A 92 11.64 -4.70 11.23
C PRO A 92 12.35 -5.08 9.94
N LEU A 93 11.67 -5.69 8.97
CA LEU A 93 12.38 -6.05 7.75
C LEU A 93 12.30 -5.04 6.58
N GLY A 94 11.78 -3.83 6.85
CA GLY A 94 11.74 -2.81 5.81
C GLY A 94 10.67 -2.92 4.74
N THR A 95 10.85 -2.17 3.65
CA THR A 95 9.87 -2.19 2.57
C THR A 95 9.99 -3.33 1.57
N VAL A 96 8.87 -3.69 0.96
CA VAL A 96 8.83 -4.75 -0.02
C VAL A 96 9.59 -4.24 -1.23
N TYR A 97 9.51 -2.92 -1.42
CA TYR A 97 10.21 -2.26 -2.50
C TYR A 97 11.72 -2.57 -2.43
N ARG A 98 12.32 -2.45 -1.25
CA ARG A 98 13.75 -2.73 -1.10
C ARG A 98 14.04 -4.21 -1.33
N GLU A 99 13.14 -5.10 -0.92
CA GLU A 99 13.34 -6.54 -1.12
C GLU A 99 13.37 -6.86 -2.59
N LEU A 100 12.46 -6.22 -3.32
CA LEU A 100 12.30 -6.40 -4.74
C LEU A 100 13.47 -5.82 -5.50
N GLN A 101 13.94 -4.68 -5.02
CA GLN A 101 15.04 -4.01 -5.66
C GLN A 101 16.30 -4.83 -5.39
N LYS A 102 16.28 -5.62 -4.32
CA LYS A 102 17.40 -6.46 -3.93
C LYS A 102 17.46 -7.77 -4.70
N LEU A 103 16.31 -8.45 -4.78
CA LEU A 103 16.24 -9.73 -5.49
C LEU A 103 15.92 -9.61 -6.98
N SER A 104 15.49 -8.42 -7.41
CA SER A 104 15.11 -8.13 -8.81
C SER A 104 13.68 -8.57 -9.10
N LYS A 105 13.37 -9.80 -8.73
CA LYS A 105 12.03 -10.34 -8.93
C LYS A 105 11.85 -11.50 -7.95
N PHE A 106 10.63 -11.76 -7.54
CA PHE A 106 10.38 -12.82 -6.58
C PHE A 106 9.92 -14.08 -7.30
N ASP A 107 10.07 -15.23 -6.63
CA ASP A 107 9.62 -16.49 -7.23
C ASP A 107 8.10 -16.62 -6.97
N GLU A 108 7.46 -17.61 -7.58
CA GLU A 108 6.02 -17.77 -7.41
C GLU A 108 5.57 -17.97 -5.96
N GLN A 109 6.41 -18.64 -5.17
CA GLN A 109 6.08 -18.90 -3.78
C GLN A 109 6.07 -17.64 -2.90
N ARG A 110 7.08 -16.81 -3.04
CA ARG A 110 7.09 -15.59 -2.26
C ARG A 110 5.98 -14.65 -2.76
N THR A 111 5.78 -14.61 -4.07
CA THR A 111 4.73 -13.76 -4.64
C THR A 111 3.35 -14.24 -4.18
N ALA A 112 3.07 -15.53 -4.38
CA ALA A 112 1.79 -16.11 -3.96
C ALA A 112 1.50 -15.86 -2.48
N THR A 113 2.54 -15.90 -1.67
CA THR A 113 2.38 -15.68 -0.24
C THR A 113 2.06 -14.21 0.03
N TYR A 114 2.73 -13.30 -0.66
CA TYR A 114 2.48 -11.87 -0.46
C TYR A 114 1.08 -11.50 -0.93
N ILE A 115 0.68 -12.03 -2.08
CA ILE A 115 -0.63 -11.75 -2.63
C ILE A 115 -1.69 -12.22 -1.61
N THR A 116 -1.51 -13.43 -1.09
CA THR A 116 -2.41 -13.96 -0.08
C THR A 116 -2.55 -13.03 1.13
N GLU A 117 -1.41 -12.68 1.73
CA GLU A 117 -1.45 -11.81 2.90
C GLU A 117 -2.12 -10.50 2.58
N LEU A 118 -1.86 -9.99 1.40
CA LEU A 118 -2.44 -8.73 0.98
C LEU A 118 -3.95 -8.86 0.74
N ALA A 119 -4.36 -9.97 0.14
CA ALA A 119 -5.79 -10.18 -0.11
C ALA A 119 -6.52 -10.24 1.24
N ASN A 120 -5.93 -10.91 2.24
CA ASN A 120 -6.57 -10.99 3.56
C ASN A 120 -6.66 -9.57 4.09
N ALA A 121 -5.55 -8.85 4.04
CA ALA A 121 -5.55 -7.48 4.54
C ALA A 121 -6.61 -6.63 3.86
N LEU A 122 -6.69 -6.71 2.53
CA LEU A 122 -7.65 -5.92 1.80
C LEU A 122 -9.06 -6.43 2.07
N SER A 123 -9.18 -7.72 2.32
CA SER A 123 -10.47 -8.33 2.58
C SER A 123 -11.04 -7.66 3.84
N TYR A 124 -10.17 -7.48 4.82
CA TYR A 124 -10.57 -6.84 6.05
C TYR A 124 -10.91 -5.36 5.83
N CYS A 125 -10.10 -4.65 5.07
CA CYS A 125 -10.39 -3.23 4.81
C CYS A 125 -11.74 -3.07 4.15
N HIS A 126 -12.00 -3.92 3.16
CA HIS A 126 -13.23 -3.83 2.42
C HIS A 126 -14.48 -4.16 3.22
N SER A 127 -14.30 -4.96 4.27
CA SER A 127 -15.42 -5.33 5.10
C SER A 127 -15.84 -4.05 5.81
N LYS A 128 -15.04 -3.01 5.65
CA LYS A 128 -15.32 -1.71 6.28
C LYS A 128 -15.45 -0.62 5.22
N ARG A 129 -15.59 -1.05 3.97
CA ARG A 129 -15.72 -0.15 2.84
C ARG A 129 -14.58 0.88 2.79
N VAL A 130 -13.44 0.50 3.35
CA VAL A 130 -12.24 1.33 3.32
C VAL A 130 -11.48 0.81 2.12
N ILE A 131 -11.26 1.64 1.10
CA ILE A 131 -10.50 1.26 -0.09
C ILE A 131 -9.15 1.93 0.04
N HIS A 132 -8.07 1.21 -0.28
CA HIS A 132 -6.73 1.76 -0.12
C HIS A 132 -6.28 2.67 -1.25
N ARG A 133 -6.50 2.24 -2.49
CA ARG A 133 -6.13 3.01 -3.66
C ARG A 133 -4.65 3.36 -3.88
N ASP A 134 -3.74 2.91 -3.03
CA ASP A 134 -2.34 3.27 -3.28
C ASP A 134 -1.40 2.10 -2.99
N ILE A 135 -1.87 0.90 -3.30
CA ILE A 135 -1.11 -0.31 -3.11
C ILE A 135 0.02 -0.31 -4.11
N LYS A 136 1.26 -0.25 -3.62
CA LYS A 136 2.46 -0.28 -4.45
C LYS A 136 3.57 -0.81 -3.55
N PRO A 137 4.65 -1.35 -4.12
CA PRO A 137 5.66 -1.86 -3.18
C PRO A 137 6.23 -0.90 -2.15
N GLU A 138 6.26 0.40 -2.45
CA GLU A 138 6.80 1.37 -1.50
C GLU A 138 5.90 1.49 -0.29
N ASN A 139 4.65 1.06 -0.41
CA ASN A 139 3.71 1.16 0.68
C ASN A 139 3.46 -0.15 1.43
N LEU A 140 4.32 -1.13 1.19
CA LEU A 140 4.17 -2.41 1.85
C LEU A 140 5.40 -2.68 2.70
N LEU A 141 5.20 -2.94 3.99
CA LEU A 141 6.31 -3.21 4.91
C LEU A 141 6.39 -4.69 5.26
N LEU A 142 7.47 -5.09 5.91
CA LEU A 142 7.67 -6.48 6.28
C LEU A 142 7.90 -6.64 7.79
N GLY A 143 7.09 -7.53 8.39
CA GLY A 143 7.16 -7.78 9.81
C GLY A 143 8.33 -8.68 10.17
N SER A 144 8.59 -8.83 11.46
CA SER A 144 9.71 -9.65 11.93
C SER A 144 9.74 -11.06 11.33
N ALA A 145 8.57 -11.62 11.03
CA ALA A 145 8.52 -12.94 10.42
C ALA A 145 8.46 -12.88 8.90
N GLY A 146 8.72 -11.70 8.34
CA GLY A 146 8.68 -11.53 6.90
C GLY A 146 7.28 -11.44 6.31
N GLU A 147 6.28 -11.23 7.15
CA GLU A 147 4.93 -11.14 6.62
C GLU A 147 4.73 -9.72 6.11
N LEU A 148 3.90 -9.62 5.08
CA LEU A 148 3.58 -8.35 4.44
C LEU A 148 2.64 -7.50 5.29
N LYS A 149 2.88 -6.19 5.32
CA LYS A 149 2.02 -5.31 6.07
C LYS A 149 1.68 -4.05 5.29
N ILE A 150 0.39 -3.85 4.99
CA ILE A 150 -0.03 -2.66 4.28
C ILE A 150 0.31 -1.54 5.22
N ALA A 151 1.06 -0.56 4.73
CA ALA A 151 1.54 0.48 5.61
C ALA A 151 1.14 1.92 5.44
N ASP A 152 0.93 2.38 4.22
CA ASP A 152 0.63 3.79 4.02
C ASP A 152 -0.77 4.10 3.49
N PHE A 153 -1.61 4.59 4.38
CA PHE A 153 -2.99 4.92 4.04
C PHE A 153 -3.19 6.38 3.64
N GLY A 154 -2.14 6.99 3.09
CA GLY A 154 -2.24 8.38 2.69
C GLY A 154 -3.46 8.66 1.82
N TRP A 155 -3.61 7.90 0.73
CA TRP A 155 -4.72 8.11 -0.18
C TRP A 155 -5.94 7.25 0.08
N SER A 156 -6.04 6.73 1.29
CA SER A 156 -7.15 5.87 1.64
C SER A 156 -8.43 6.69 1.83
N VAL A 157 -9.56 6.12 1.39
CA VAL A 157 -10.86 6.76 1.50
C VAL A 157 -11.94 5.68 1.60
N HIS A 158 -13.18 6.07 1.89
CA HIS A 158 -14.28 5.10 2.00
C HIS A 158 -15.01 4.97 0.67
N ALA A 159 -15.47 3.75 0.37
CA ALA A 159 -16.17 3.46 -0.87
C ALA A 159 -17.70 3.50 -0.72
N PRO A 160 -18.43 3.87 -1.79
CA PRO A 160 -17.86 4.27 -3.09
C PRO A 160 -17.41 5.72 -3.03
N SER A 161 -16.48 6.10 -3.90
CA SER A 161 -15.98 7.46 -3.92
C SER A 161 -15.83 7.97 -5.34
N SER A 162 -15.84 9.30 -5.48
CA SER A 162 -15.70 9.94 -6.79
C SER A 162 -14.55 10.93 -6.75
N ARG A 163 -13.90 11.02 -5.59
CA ARG A 163 -12.78 11.94 -5.39
C ARG A 163 -11.84 12.04 -6.58
N ARG A 164 -11.78 13.22 -7.18
CA ARG A 164 -10.90 13.46 -8.31
C ARG A 164 -9.65 14.12 -7.73
N ASP A 165 -8.86 13.33 -7.01
CA ASP A 165 -7.63 13.82 -6.39
C ASP A 165 -6.52 13.90 -7.43
N THR A 166 -5.75 14.98 -7.39
CA THR A 166 -4.66 15.17 -8.34
C THR A 166 -3.61 14.08 -8.18
N LEU A 167 -3.50 13.23 -9.21
CA LEU A 167 -2.54 12.13 -9.22
C LEU A 167 -1.14 12.70 -9.46
N CYS A 168 -0.30 12.62 -8.43
CA CYS A 168 1.05 13.17 -8.50
C CYS A 168 2.17 12.17 -8.75
N GLY A 169 2.06 10.98 -8.19
CA GLY A 169 3.10 9.98 -8.41
C GLY A 169 2.86 9.39 -9.78
N THR A 170 3.40 8.21 -10.05
CA THR A 170 3.13 7.61 -11.34
C THR A 170 1.73 7.04 -11.26
N LEU A 171 1.20 6.67 -12.41
CA LEU A 171 -0.13 6.11 -12.49
C LEU A 171 -0.03 4.60 -12.47
N ASP A 172 1.21 4.10 -12.46
CA ASP A 172 1.49 2.67 -12.52
C ASP A 172 0.54 1.71 -11.80
N TYR A 173 0.00 2.10 -10.63
CA TYR A 173 -0.91 1.17 -9.95
C TYR A 173 -2.39 1.54 -9.99
N LEU A 174 -2.70 2.68 -10.59
CA LEU A 174 -4.07 3.15 -10.68
C LEU A 174 -4.84 2.50 -11.82
N PRO A 175 -6.08 2.12 -11.55
CA PRO A 175 -6.96 1.47 -12.56
C PRO A 175 -7.56 2.50 -13.53
N PRO A 176 -8.19 2.03 -14.62
CA PRO A 176 -8.81 2.92 -15.60
C PRO A 176 -9.79 3.92 -15.01
N GLU A 177 -10.69 3.44 -14.15
CA GLU A 177 -11.70 4.34 -13.56
C GLU A 177 -11.10 5.48 -12.74
N MET A 178 -9.92 5.28 -12.15
CA MET A 178 -9.32 6.32 -11.35
C MET A 178 -8.55 7.33 -12.18
N ILE A 179 -7.79 6.87 -13.18
CA ILE A 179 -7.03 7.81 -14.00
C ILE A 179 -7.97 8.59 -14.93
N GLU A 180 -9.24 8.25 -14.93
CA GLU A 180 -10.19 8.97 -15.78
C GLU A 180 -11.18 9.79 -14.95
N GLY A 181 -10.83 10.02 -13.68
CA GLY A 181 -11.69 10.81 -12.81
C GLY A 181 -13.09 10.31 -12.57
N ARG A 182 -13.34 9.02 -12.76
CA ARG A 182 -14.67 8.46 -12.56
C ARG A 182 -14.89 7.90 -11.15
N MET A 183 -16.12 7.55 -10.82
CA MET A 183 -16.41 7.00 -9.49
C MET A 183 -15.77 5.63 -9.42
N HIS A 184 -15.46 5.20 -8.20
CA HIS A 184 -14.83 3.88 -8.03
C HIS A 184 -15.11 3.29 -6.65
N ASP A 185 -14.95 1.97 -6.53
CA ASP A 185 -15.14 1.29 -5.27
C ASP A 185 -13.96 0.37 -4.95
N GLU A 186 -14.20 -0.63 -4.11
CA GLU A 186 -13.18 -1.59 -3.71
C GLU A 186 -12.48 -2.30 -4.86
N LYS A 187 -13.13 -2.41 -6.02
CA LYS A 187 -12.53 -3.07 -7.17
C LYS A 187 -11.20 -2.41 -7.61
N VAL A 188 -10.97 -1.20 -7.12
CA VAL A 188 -9.74 -0.47 -7.41
C VAL A 188 -8.52 -1.25 -6.86
N ASP A 189 -8.67 -1.78 -5.66
CA ASP A 189 -7.64 -2.52 -4.98
C ASP A 189 -7.35 -3.86 -5.64
N LEU A 190 -8.34 -4.44 -6.28
CA LEU A 190 -8.16 -5.68 -6.96
C LEU A 190 -7.37 -5.54 -8.24
N TRP A 191 -7.41 -4.37 -8.82
CA TRP A 191 -6.63 -4.09 -10.00
C TRP A 191 -5.18 -3.90 -9.54
N SER A 192 -5.00 -3.09 -8.50
CA SER A 192 -3.68 -2.83 -7.96
C SER A 192 -3.01 -4.14 -7.60
N LEU A 193 -3.79 -5.05 -7.04
CA LEU A 193 -3.29 -6.36 -6.65
C LEU A 193 -2.75 -7.11 -7.89
N GLY A 194 -3.45 -6.95 -9.02
CA GLY A 194 -3.00 -7.59 -10.24
C GLY A 194 -1.72 -6.94 -10.72
N VAL A 195 -1.67 -5.61 -10.68
CA VAL A 195 -0.45 -4.89 -11.07
C VAL A 195 0.71 -5.34 -10.16
N LEU A 196 0.42 -5.49 -8.87
CA LEU A 196 1.45 -5.88 -7.91
C LEU A 196 1.95 -7.29 -8.17
N CYS A 197 1.02 -8.21 -8.39
CA CYS A 197 1.39 -9.59 -8.65
C CYS A 197 2.36 -9.67 -9.83
N TYR A 198 2.08 -8.86 -10.86
CA TYR A 198 2.91 -8.83 -12.05
C TYR A 198 4.28 -8.19 -11.71
N GLU A 199 4.28 -7.06 -11.02
CA GLU A 199 5.56 -6.47 -10.68
C GLU A 199 6.44 -7.46 -9.86
N PHE A 200 5.84 -8.13 -8.89
CA PHE A 200 6.59 -9.08 -8.07
C PHE A 200 7.31 -10.15 -8.90
N LEU A 201 6.61 -10.73 -9.87
CA LEU A 201 7.21 -11.79 -10.68
C LEU A 201 8.12 -11.29 -11.79
N VAL A 202 7.75 -10.17 -12.42
CA VAL A 202 8.53 -9.64 -13.54
C VAL A 202 9.64 -8.70 -13.15
N GLY A 203 9.42 -7.87 -12.14
CA GLY A 203 10.43 -6.93 -11.71
C GLY A 203 10.09 -5.50 -12.06
N LYS A 204 9.06 -5.31 -12.87
CA LYS A 204 8.62 -3.99 -13.32
C LYS A 204 7.11 -4.03 -13.39
N PRO A 205 6.44 -2.88 -13.19
CA PRO A 205 4.97 -2.90 -13.26
C PRO A 205 4.56 -3.14 -14.73
N PRO A 206 3.42 -3.81 -14.96
CA PRO A 206 2.94 -4.13 -16.33
C PRO A 206 2.70 -3.00 -17.34
N PHE A 207 2.40 -1.81 -16.84
CA PHE A 207 2.14 -0.66 -17.70
C PHE A 207 3.27 0.37 -17.73
N GLU A 208 4.43 0.01 -17.21
CA GLU A 208 5.55 0.95 -17.19
C GLU A 208 5.82 1.55 -18.58
N ALA A 209 6.15 2.84 -18.56
CA ALA A 209 6.45 3.62 -19.77
C ALA A 209 7.36 4.78 -19.34
N ASN A 210 7.75 5.59 -20.32
CA ASN A 210 8.67 6.70 -20.07
C ASN A 210 7.98 7.99 -19.72
N THR A 211 6.72 8.11 -20.09
CA THR A 211 5.99 9.30 -19.81
C THR A 211 4.70 8.97 -19.13
N TYR A 212 4.20 9.94 -18.39
CA TYR A 212 2.94 9.82 -17.67
C TYR A 212 1.88 9.57 -18.72
N GLN A 213 1.93 10.37 -19.79
CA GLN A 213 0.97 10.30 -20.89
C GLN A 213 0.97 8.92 -21.57
N GLU A 214 2.14 8.33 -21.72
CA GLU A 214 2.19 7.01 -22.31
C GLU A 214 1.58 5.97 -21.33
N THR A 215 2.03 6.01 -20.07
CA THR A 215 1.51 5.07 -19.09
C THR A 215 0.00 5.18 -19.02
N TYR A 216 -0.50 6.41 -19.17
CA TYR A 216 -1.93 6.65 -19.12
C TYR A 216 -2.63 5.86 -20.22
N LYS A 217 -2.03 5.85 -21.41
CA LYS A 217 -2.59 5.12 -22.53
C LYS A 217 -2.58 3.61 -22.30
N ARG A 218 -1.47 3.07 -21.84
CA ARG A 218 -1.39 1.64 -21.60
C ARG A 218 -2.43 1.14 -20.58
N ILE A 219 -2.66 1.95 -19.55
CA ILE A 219 -3.61 1.59 -18.52
C ILE A 219 -5.03 1.60 -19.07
N SER A 220 -5.43 2.70 -19.70
CA SER A 220 -6.79 2.79 -20.20
C SER A 220 -7.11 1.76 -21.26
N ARG A 221 -6.11 1.32 -22.00
CA ARG A 221 -6.27 0.29 -23.03
C ARG A 221 -5.87 -1.08 -22.49
N VAL A 222 -5.41 -1.13 -21.24
CA VAL A 222 -4.99 -2.37 -20.58
C VAL A 222 -4.03 -3.18 -21.46
N GLU A 223 -2.97 -2.51 -21.93
CA GLU A 223 -1.97 -3.13 -22.79
C GLU A 223 -0.74 -3.59 -22.02
N PHE A 224 -0.67 -4.90 -21.76
CA PHE A 224 0.46 -5.51 -21.06
C PHE A 224 0.79 -6.86 -21.69
N THR A 225 2.05 -7.23 -21.61
CA THR A 225 2.52 -8.49 -22.14
C THR A 225 3.34 -9.19 -21.05
N PHE A 226 3.49 -10.51 -21.19
CA PHE A 226 4.20 -11.33 -20.22
C PHE A 226 5.56 -11.83 -20.73
N PRO A 227 6.57 -11.85 -19.86
CA PRO A 227 7.86 -12.35 -20.34
C PRO A 227 7.67 -13.88 -20.39
N ASP A 228 8.51 -14.59 -21.13
CA ASP A 228 8.34 -16.05 -21.23
C ASP A 228 8.26 -16.81 -19.90
N PHE A 229 9.04 -16.40 -18.91
CA PHE A 229 9.02 -17.11 -17.65
C PHE A 229 7.77 -16.99 -16.78
N VAL A 230 6.84 -16.08 -17.09
CA VAL A 230 5.63 -16.02 -16.27
C VAL A 230 4.78 -17.21 -16.67
N THR A 231 4.39 -18.04 -15.70
CA THR A 231 3.61 -19.25 -15.98
C THR A 231 2.13 -19.04 -16.24
N GLU A 232 1.51 -20.03 -16.90
CA GLU A 232 0.08 -20.00 -17.21
C GLU A 232 -0.82 -19.58 -16.04
N GLY A 233 -0.61 -20.22 -14.89
CA GLY A 233 -1.40 -19.93 -13.71
C GLY A 233 -1.25 -18.49 -13.24
N ALA A 234 -0.04 -17.96 -13.37
CA ALA A 234 0.21 -16.58 -12.97
C ALA A 234 -0.47 -15.65 -13.98
N ARG A 235 -0.23 -15.91 -15.26
CA ARG A 235 -0.82 -15.10 -16.31
C ARG A 235 -2.31 -15.07 -16.09
N ASP A 236 -2.86 -16.24 -15.75
CA ASP A 236 -4.29 -16.35 -15.54
C ASP A 236 -4.80 -15.43 -14.44
N LEU A 237 -4.21 -15.53 -13.25
CA LEU A 237 -4.65 -14.69 -12.15
C LEU A 237 -4.53 -13.21 -12.49
N ILE A 238 -3.38 -12.83 -13.06
CA ILE A 238 -3.15 -11.44 -13.44
C ILE A 238 -4.15 -10.95 -14.50
N SER A 239 -4.48 -11.81 -15.44
CA SER A 239 -5.45 -11.43 -16.47
C SER A 239 -6.84 -11.25 -15.88
N ARG A 240 -7.23 -12.05 -14.90
CA ARG A 240 -8.55 -11.89 -14.29
C ARG A 240 -8.61 -10.59 -13.50
N LEU A 241 -7.50 -10.22 -12.87
CA LEU A 241 -7.46 -8.99 -12.08
C LEU A 241 -7.34 -7.72 -12.93
N LEU A 242 -6.55 -7.73 -14.00
CA LEU A 242 -6.41 -6.54 -14.84
C LEU A 242 -7.53 -6.43 -15.90
N LYS A 243 -8.77 -6.25 -15.46
CA LYS A 243 -9.90 -6.11 -16.37
C LYS A 243 -10.32 -4.65 -16.34
N HIS A 244 -10.46 -4.04 -17.51
CA HIS A 244 -10.88 -2.64 -17.58
C HIS A 244 -12.22 -2.43 -16.84
N ASN A 245 -13.17 -3.34 -17.04
CA ASN A 245 -14.46 -3.23 -16.39
C ASN A 245 -14.34 -3.72 -14.94
N PRO A 246 -14.52 -2.81 -13.98
CA PRO A 246 -14.41 -3.13 -12.55
C PRO A 246 -15.21 -4.35 -12.12
N SER A 247 -16.45 -4.45 -12.62
CA SER A 247 -17.32 -5.55 -12.23
C SER A 247 -16.83 -6.90 -12.70
N GLN A 248 -15.90 -6.92 -13.65
CA GLN A 248 -15.37 -8.18 -14.13
C GLN A 248 -14.20 -8.67 -13.29
N ARG A 249 -13.57 -7.79 -12.51
CA ARG A 249 -12.48 -8.27 -11.68
C ARG A 249 -13.08 -9.15 -10.58
N PRO A 250 -12.38 -10.24 -10.23
CA PRO A 250 -12.83 -11.19 -9.20
C PRO A 250 -12.94 -10.62 -7.80
N MET A 251 -13.47 -11.42 -6.90
CA MET A 251 -13.61 -11.06 -5.50
C MET A 251 -12.37 -11.58 -4.83
N LEU A 252 -11.95 -10.95 -3.74
CA LEU A 252 -10.76 -11.39 -3.03
C LEU A 252 -10.83 -12.87 -2.69
N ARG A 253 -12.06 -13.36 -2.47
CA ARG A 253 -12.27 -14.76 -2.15
C ARG A 253 -11.79 -15.63 -3.28
N GLU A 254 -12.16 -15.25 -4.50
CA GLU A 254 -11.76 -16.00 -5.69
C GLU A 254 -10.24 -15.92 -5.87
N VAL A 255 -9.66 -14.80 -5.48
CA VAL A 255 -8.22 -14.66 -5.58
C VAL A 255 -7.58 -15.66 -4.60
N LEU A 256 -8.02 -15.62 -3.34
CA LEU A 256 -7.49 -16.52 -2.32
C LEU A 256 -7.64 -18.00 -2.68
N GLU A 257 -8.68 -18.31 -3.45
CA GLU A 257 -8.95 -19.69 -3.87
C GLU A 257 -8.45 -20.01 -5.27
N HIS A 258 -7.67 -19.12 -5.87
CA HIS A 258 -7.17 -19.37 -7.20
C HIS A 258 -6.13 -20.48 -7.16
N PRO A 259 -6.27 -21.49 -8.03
CA PRO A 259 -5.36 -22.64 -8.14
C PRO A 259 -3.89 -22.31 -8.00
N TRP A 260 -3.46 -21.26 -8.69
CA TRP A 260 -2.06 -20.84 -8.65
C TRP A 260 -1.71 -20.25 -7.28
N ILE A 261 -2.65 -19.56 -6.67
CA ILE A 261 -2.40 -18.98 -5.36
C ILE A 261 -2.39 -20.13 -4.36
N THR A 262 -3.03 -21.23 -4.76
CA THR A 262 -3.13 -22.40 -3.88
C THR A 262 -1.94 -23.33 -3.97
N ALA A 263 -1.42 -23.50 -5.16
CA ALA A 263 -0.28 -24.38 -5.33
C ALA A 263 1.01 -23.76 -4.80
N ASN A 264 1.11 -22.44 -4.87
CA ASN A 264 2.34 -21.75 -4.47
C ASN A 264 2.34 -21.02 -3.14
N SER A 265 1.17 -20.62 -2.67
CA SER A 265 1.15 -19.91 -1.43
C SER A 265 1.48 -20.84 -0.26
N SER A 266 2.24 -20.31 0.69
CA SER A 266 2.62 -21.06 1.88
C SER A 266 1.78 -20.59 3.06
N LYS A 267 1.28 -19.36 2.96
CA LYS A 267 0.45 -18.76 4.02
C LYS A 267 -1.03 -18.88 3.63
C1 EDO B . 2.40 1.13 22.25
O1 EDO B . 2.57 2.55 22.04
C2 EDO B . 0.94 0.72 22.01
O2 EDO B . 0.82 -0.72 22.00
C1 EDO C . 11.16 -1.42 -10.33
O1 EDO C . 10.13 -2.36 -9.99
C2 EDO C . 10.77 -0.65 -11.60
O2 EDO C . 9.60 0.16 -11.36
C1 EDO D . -4.90 10.31 19.63
O1 EDO D . -3.53 10.06 19.99
C2 EDO D . -5.50 11.36 20.57
O2 EDO D . -4.78 12.60 20.45
C01 NHI E . 10.73 4.16 2.48
N01 NHI E . 10.20 -0.22 8.91
O01 NHI E . 12.13 4.42 2.48
N02 NHI E . 9.10 1.69 8.10
O02 NHI E . 10.13 4.03 1.43
N03 NHI E . 8.32 0.43 10.00
N04 NHI E . 7.89 3.55 7.41
C05 NHI E . 12.75 0.65 6.34
C06 NHI E . 13.89 0.01 6.90
C07 NHI E . 13.76 -0.69 8.14
C08 NHI E . 12.50 -0.75 8.81
C09 NHI E . 11.35 -0.12 8.26
C10 NHI E . 11.50 0.57 7.01
C11 NHI E . 15.11 0.10 6.26
C12 NHI E . 9.21 0.66 8.99
C13 NHI E . 8.04 2.55 8.24
C14 NHI E . 7.09 2.40 9.25
C15 NHI E . 7.28 1.31 10.11
C16 NHI E . 8.55 3.70 6.29
C17 NHI E . 7.86 3.70 5.05
C18 NHI E . 8.58 3.85 3.82
C19 NHI E . 9.99 4.00 3.84
C20 NHI E . 10.68 4.01 5.07
C21 NHI E . 9.97 3.87 6.29
O25 NHI E . 15.18 0.21 5.06
O26 NHI E . 16.24 0.06 6.96
#